data_5EIM
#
_entry.id   5EIM
#
_cell.length_a   53.105
_cell.length_b   55.871
_cell.length_c   104.541
_cell.angle_alpha   90.00
_cell.angle_beta   90.00
_cell.angle_gamma   90.00
#
_symmetry.space_group_name_H-M   'P 21 21 21'
#
loop_
_entity.id
_entity.type
_entity.pdbx_description
1 polymer 'YTH domain-containing protein mmi1'
2 polymer "RNA (5'-R(*AP*UP*UP*AP*AP*AP*CP*A)-3')"
3 water water
#
loop_
_entity_poly.entity_id
_entity_poly.type
_entity_poly.pdbx_seq_one_letter_code
_entity_poly.pdbx_strand_id
1 'polypeptide(L)'
;NEKGERISMINPRVVLDENGISHRSRYFIMLCDNETAIAHAKKTSIWAVKKDSSKRISDAYKKASVYFIFVAQQTYNALG
YAQVVSDLNSTELPFWSDSSHAGGVRIKWIKTCNLFSAEISEIVSHMDHGSEARDGMEMMYDEGSRLCTLINYAIMKRIG
RDR
;
A,B
2 'polyribonucleotide' AUUAAACA C,D
#
# COMPACT_ATOMS: atom_id res chain seq x y z
N GLU A 5 29.50 1.57 17.06
CA GLU A 5 28.14 1.49 16.40
C GLU A 5 27.71 0.00 16.33
N ARG A 6 26.64 -0.31 15.59
CA ARG A 6 26.03 -1.65 15.61
C ARG A 6 25.34 -2.01 14.27
N ILE A 7 25.46 -3.30 13.94
CA ILE A 7 25.28 -3.78 12.58
C ILE A 7 24.10 -4.77 12.45
N SER A 8 23.17 -4.54 11.51
CA SER A 8 22.17 -5.58 11.24
C SER A 8 22.84 -6.84 10.69
N MET A 9 22.47 -7.99 11.27
CA MET A 9 22.93 -9.29 10.77
C MET A 9 22.07 -9.81 9.63
N ILE A 10 20.97 -9.11 9.29
CA ILE A 10 20.10 -9.46 8.19
C ILE A 10 20.43 -8.65 6.99
N ASN A 11 20.60 -7.34 7.18
CA ASN A 11 21.06 -6.45 6.10
C ASN A 11 22.09 -5.48 6.66
N PRO A 12 23.37 -5.74 6.47
CA PRO A 12 24.40 -4.91 7.12
C PRO A 12 24.50 -3.47 6.69
N ARG A 13 23.85 -3.13 5.60
CA ARG A 13 23.68 -1.72 5.18
C ARG A 13 22.84 -0.92 6.16
N VAL A 14 21.96 -1.59 6.93
CA VAL A 14 21.02 -0.88 7.80
C VAL A 14 21.73 -0.43 9.06
N VAL A 15 21.78 0.89 9.18
CA VAL A 15 22.43 1.50 10.29
C VAL A 15 21.58 1.36 11.55
N LEU A 16 22.15 0.85 12.63
CA LEU A 16 21.40 0.62 13.87
C LEU A 16 22.01 1.47 15.00
N ASP A 17 21.15 1.88 15.90
CA ASP A 17 21.59 2.51 17.17
C ASP A 17 22.03 1.45 18.11
N GLU A 18 22.48 1.86 19.31
CA GLU A 18 23.04 0.94 20.25
C GLU A 18 22.03 -0.05 20.84
N ASN A 19 20.73 0.17 20.56
CA ASN A 19 19.67 -0.73 21.02
C ASN A 19 19.29 -1.71 19.88
N GLY A 20 20.03 -1.67 18.80
CA GLY A 20 19.64 -2.50 17.63
C GLY A 20 18.46 -2.00 16.85
N ILE A 21 18.15 -0.71 16.94
CA ILE A 21 17.01 -0.13 16.29
C ILE A 21 17.45 0.69 15.07
N SER A 22 16.76 0.47 13.96
CA SER A 22 16.84 1.29 12.77
C SER A 22 15.94 2.48 12.79
N HIS A 23 16.53 3.68 12.66
CA HIS A 23 15.69 4.90 12.64
C HIS A 23 14.91 5.17 11.43
N ARG A 24 15.10 4.34 10.40
CA ARG A 24 14.35 4.35 9.18
C ARG A 24 13.07 3.46 9.23
N SER A 25 13.16 2.35 9.99
CA SER A 25 12.14 1.35 9.94
C SER A 25 12.01 0.73 11.32
N ARG A 26 10.84 0.93 11.96
CA ARG A 26 10.67 0.57 13.32
C ARG A 26 9.44 -0.27 13.58
N TYR A 27 9.57 -1.23 14.51
CA TYR A 27 8.63 -2.33 14.69
C TYR A 27 8.18 -2.45 16.17
N PHE A 28 6.85 -2.56 16.33
CA PHE A 28 6.27 -2.72 17.69
C PHE A 28 5.41 -3.96 17.70
N ILE A 29 5.46 -4.71 18.78
CA ILE A 29 4.59 -5.89 18.94
C ILE A 29 3.28 -5.54 19.70
N MET A 30 2.19 -6.00 19.12
CA MET A 30 0.87 -5.88 19.74
C MET A 30 0.45 -7.29 20.12
N LEU A 31 0.49 -7.56 21.39
CA LEU A 31 0.06 -8.80 21.93
C LEU A 31 -1.48 -8.79 22.15
N CYS A 32 -2.17 -9.65 21.48
CA CYS A 32 -3.62 -9.59 21.34
C CYS A 32 -4.31 -10.65 22.16
N ASP A 33 -5.14 -10.16 23.06
CA ASP A 33 -5.91 -11.01 23.92
C ASP A 33 -7.40 -10.75 23.73
N ASN A 34 -7.80 -9.86 22.79
CA ASN A 34 -9.17 -9.40 22.63
C ASN A 34 -9.57 -9.66 21.15
N GLU A 35 -10.38 -10.68 20.91
CA GLU A 35 -10.78 -11.02 19.55
C GLU A 35 -11.62 -9.94 18.90
N THR A 36 -12.35 -9.14 19.68
CA THR A 36 -13.18 -8.07 19.11
C THR A 36 -12.26 -7.00 18.46
N ALA A 37 -11.21 -6.62 19.20
CA ALA A 37 -10.24 -5.61 18.74
C ALA A 37 -9.50 -6.01 17.48
N ILE A 38 -8.96 -7.21 17.43
CA ILE A 38 -8.23 -7.63 16.22
C ILE A 38 -9.12 -7.85 15.02
N ALA A 39 -10.34 -8.38 15.22
CA ALA A 39 -11.23 -8.52 14.11
C ALA A 39 -11.69 -7.19 13.61
N HIS A 40 -12.00 -6.26 14.51
CA HIS A 40 -12.42 -4.95 14.07
C HIS A 40 -11.26 -4.22 13.33
N ALA A 41 -10.03 -4.41 13.80
CA ALA A 41 -8.89 -3.77 13.16
C ALA A 41 -8.66 -4.37 11.76
N LYS A 42 -8.83 -5.69 11.66
CA LYS A 42 -8.72 -6.36 10.35
C LYS A 42 -9.78 -5.84 9.36
N LYS A 43 -10.96 -5.50 9.86
CA LYS A 43 -12.07 -4.99 9.01
C LYS A 43 -11.91 -3.55 8.60
N THR A 44 -11.52 -2.72 9.56
CA THR A 44 -11.58 -1.29 9.39
C THR A 44 -10.24 -0.62 9.17
N SER A 45 -9.16 -1.33 9.43
CA SER A 45 -7.82 -0.74 9.32
C SER A 45 -7.59 0.45 10.27
N ILE A 46 -8.18 0.38 11.43
CA ILE A 46 -7.90 1.31 12.54
C ILE A 46 -7.39 0.52 13.72
N TRP A 47 -6.34 0.99 14.39
CA TRP A 47 -5.89 0.36 15.65
C TRP A 47 -5.92 1.35 16.82
N ALA A 48 -6.30 0.88 17.98
CA ALA A 48 -6.27 1.76 19.18
C ALA A 48 -5.01 1.53 19.85
N VAL A 49 -4.28 2.61 20.13
CA VAL A 49 -2.96 2.53 20.67
C VAL A 49 -3.05 2.79 22.18
N LYS A 50 -2.42 1.94 22.95
CA LYS A 50 -2.40 2.05 24.44
C LYS A 50 -1.65 3.29 24.84
N LYS A 51 -2.18 3.98 25.86
CA LYS A 51 -1.46 5.08 26.47
C LYS A 51 -0.01 4.78 26.85
N ASP A 52 0.21 3.59 27.41
CA ASP A 52 1.55 3.25 27.89
C ASP A 52 2.60 3.20 26.76
N SER A 53 2.16 2.89 25.52
CA SER A 53 3.16 2.91 24.38
C SER A 53 3.01 4.02 23.35
N SER A 54 2.04 4.92 23.50
CA SER A 54 1.75 5.93 22.49
C SER A 54 2.82 6.93 22.21
N LYS A 55 3.54 7.40 23.24
CA LYS A 55 4.55 8.38 23.04
C LYS A 55 5.71 7.80 22.23
N ARG A 56 6.13 6.58 22.52
CA ARG A 56 7.25 5.98 21.78
C ARG A 56 6.85 5.74 20.30
N ILE A 57 5.60 5.35 20.11
CA ILE A 57 5.10 5.05 18.77
C ILE A 57 5.00 6.36 17.97
N SER A 58 4.47 7.42 18.57
CA SER A 58 4.40 8.70 17.85
C SER A 58 5.79 9.29 17.62
N ASP A 59 6.71 9.10 18.59
CA ASP A 59 8.12 9.57 18.42
C ASP A 59 8.72 8.80 17.20
N ALA A 60 8.49 7.49 17.11
CA ALA A 60 9.01 6.68 16.00
C ALA A 60 8.50 7.14 14.68
N TYR A 61 7.23 7.57 14.68
CA TYR A 61 6.54 7.87 13.45
C TYR A 61 6.98 9.22 12.91
N LYS A 62 7.67 10.01 13.73
CA LYS A 62 8.20 11.30 13.18
C LYS A 62 9.03 11.13 11.92
N LYS A 63 9.99 10.20 11.96
CA LYS A 63 10.86 9.98 10.78
C LYS A 63 10.83 8.59 10.18
N ALA A 64 10.42 7.58 10.90
CA ALA A 64 10.47 6.26 10.32
C ALA A 64 9.20 5.68 9.78
N SER A 65 9.35 4.67 8.95
CA SER A 65 8.22 3.85 8.69
C SER A 65 8.02 2.99 9.90
N VAL A 66 6.76 2.89 10.33
CA VAL A 66 6.42 2.21 11.59
C VAL A 66 5.47 1.03 11.26
N TYR A 67 5.78 -0.14 11.86
CA TYR A 67 5.02 -1.32 11.67
C TYR A 67 4.60 -1.94 12.98
N PHE A 68 3.35 -2.42 12.99
CA PHE A 68 2.83 -3.24 14.09
C PHE A 68 2.77 -4.70 13.67
N ILE A 69 3.30 -5.59 14.50
CA ILE A 69 3.30 -6.97 14.27
C ILE A 69 2.35 -7.57 15.36
N PHE A 70 1.28 -8.27 14.94
CA PHE A 70 0.21 -8.74 15.83
C PHE A 70 0.43 -10.22 16.15
N VAL A 71 0.45 -10.52 17.44
CA VAL A 71 0.70 -11.88 17.93
C VAL A 71 -0.34 -12.22 18.98
N ALA A 72 -0.87 -13.41 18.93
CA ALA A 72 -1.81 -13.84 19.96
C ALA A 72 -1.12 -14.08 21.32
N GLN A 73 -1.65 -13.48 22.39
CA GLN A 73 -1.00 -13.60 23.68
C GLN A 73 -0.89 -15.05 24.16
N GLN A 74 -1.94 -15.83 24.05
CA GLN A 74 -1.90 -17.13 24.78
C GLN A 74 -1.12 -18.21 24.05
N THR A 75 -0.93 -18.08 22.71
CA THR A 75 -0.33 -19.12 21.84
C THR A 75 0.95 -18.67 21.09
N TYR A 76 1.12 -17.35 21.01
CA TYR A 76 2.13 -16.68 20.17
C TYR A 76 1.91 -16.97 18.70
N ASN A 77 0.68 -17.32 18.31
CA ASN A 77 0.36 -17.40 16.87
C ASN A 77 0.55 -16.03 16.23
N ALA A 78 1.08 -16.01 15.02
CA ALA A 78 1.10 -14.74 14.27
C ALA A 78 -0.31 -14.40 13.78
N LEU A 79 -0.71 -13.14 13.90
CA LEU A 79 -2.03 -12.68 13.39
C LEU A 79 -1.88 -11.72 12.22
N GLY A 80 -0.67 -11.29 11.92
CA GLY A 80 -0.39 -10.47 10.76
C GLY A 80 0.51 -9.28 11.13
N TYR A 81 0.64 -8.36 10.18
CA TYR A 81 1.35 -7.17 10.41
C TYR A 81 0.89 -6.10 9.44
N ALA A 82 1.08 -4.87 9.89
CA ALA A 82 0.52 -3.68 9.21
C ALA A 82 1.45 -2.49 9.38
N GLN A 83 1.43 -1.56 8.39
CA GLN A 83 2.16 -0.31 8.46
C GLN A 83 1.25 0.81 9.04
N VAL A 84 1.76 1.63 9.91
CA VAL A 84 1.04 2.74 10.37
C VAL A 84 1.04 3.81 9.24
N VAL A 85 -0.16 4.26 8.92
CA VAL A 85 -0.34 5.23 7.83
C VAL A 85 -0.98 6.55 8.24
N SER A 86 -1.18 6.81 9.54
CA SER A 86 -1.63 8.15 9.96
C SER A 86 -1.01 8.45 11.30
N ASP A 87 -1.06 9.72 11.65
CA ASP A 87 -0.81 10.18 13.03
C ASP A 87 -1.83 9.62 13.99
N LEU A 88 -1.44 9.55 15.24
CA LEU A 88 -2.36 9.19 16.30
C LEU A 88 -3.49 10.21 16.43
N ASN A 89 -4.70 9.73 16.65
CA ASN A 89 -5.88 10.59 16.69
C ASN A 89 -6.76 10.26 17.89
N SER A 90 -6.52 11.04 18.93
CA SER A 90 -7.41 11.23 20.07
C SER A 90 -8.95 11.18 19.80
N THR A 91 -9.40 11.69 18.65
CA THR A 91 -10.84 11.64 18.28
C THR A 91 -11.22 10.62 17.19
N GLU A 92 -10.40 9.57 17.02
CA GLU A 92 -10.71 8.48 16.09
C GLU A 92 -10.70 7.12 16.76
N LEU A 93 -11.19 7.08 18.00
CA LEU A 93 -11.11 5.85 18.80
C LEU A 93 -12.11 4.87 18.23
N PRO A 94 -11.72 3.58 18.06
CA PRO A 94 -12.74 2.58 17.71
C PRO A 94 -13.58 2.23 18.91
N PHE A 95 -14.78 1.71 18.67
CA PHE A 95 -15.77 1.42 19.75
C PHE A 95 -15.25 0.58 20.92
N TRP A 96 -14.36 -0.37 20.61
CA TRP A 96 -13.81 -1.33 21.56
C TRP A 96 -12.74 -0.75 22.48
N SER A 97 -12.23 0.44 22.20
CA SER A 97 -11.21 1.03 23.06
C SER A 97 -11.80 1.47 24.41
N ASP A 98 -10.96 1.92 25.29
CA ASP A 98 -11.35 2.32 26.65
C ASP A 98 -10.37 3.41 27.06
N SER A 99 -10.50 3.93 28.27
CA SER A 99 -9.60 4.98 28.70
C SER A 99 -8.14 4.52 28.88
N SER A 100 -7.79 3.23 28.73
CA SER A 100 -6.41 2.83 28.63
C SER A 100 -5.77 3.13 27.23
N HIS A 101 -6.57 3.60 26.26
CA HIS A 101 -6.13 3.94 24.91
C HIS A 101 -5.97 5.47 24.71
N ALA A 102 -4.87 5.82 24.08
CA ALA A 102 -4.56 7.22 23.67
C ALA A 102 -5.28 7.75 22.47
N GLY A 103 -5.60 6.91 21.51
CA GLY A 103 -6.14 7.40 20.27
C GLY A 103 -6.11 6.24 19.28
N GLY A 104 -6.59 6.50 18.09
CA GLY A 104 -6.56 5.53 16.98
C GLY A 104 -5.55 5.96 15.91
N VAL A 105 -5.01 4.97 15.17
CA VAL A 105 -4.16 5.23 14.02
C VAL A 105 -4.76 4.38 12.90
N ARG A 106 -4.72 4.90 11.68
CA ARG A 106 -4.97 4.12 10.52
C ARG A 106 -3.74 3.27 10.18
N ILE A 107 -4.04 2.03 9.75
CA ILE A 107 -3.03 1.08 9.38
C ILE A 107 -3.31 0.60 8.00
N LYS A 108 -2.28 0.16 7.34
CA LYS A 108 -2.46 -0.58 6.08
C LYS A 108 -1.97 -2.01 6.33
N TRP A 109 -2.86 -2.97 6.26
CA TRP A 109 -2.51 -4.36 6.46
C TRP A 109 -1.54 -4.83 5.35
N ILE A 110 -0.44 -5.48 5.73
CA ILE A 110 0.45 -6.11 4.80
C ILE A 110 0.11 -7.60 4.63
N LYS A 111 0.02 -8.29 5.76
CA LYS A 111 -0.42 -9.68 5.87
C LYS A 111 -1.40 -9.88 7.02
N THR A 112 -2.35 -10.79 6.84
CA THR A 112 -3.28 -11.19 7.92
C THR A 112 -3.27 -12.73 7.94
N CYS A 113 -3.41 -13.31 9.10
CA CYS A 113 -3.28 -14.75 9.25
C CYS A 113 -3.66 -15.11 10.67
N ASN A 114 -3.63 -16.43 10.94
CA ASN A 114 -3.69 -16.94 12.28
C ASN A 114 -3.00 -18.25 12.30
N LEU A 115 -1.66 -18.22 12.54
CA LEU A 115 -0.85 -19.44 12.42
C LEU A 115 0.31 -19.44 13.39
N PHE A 116 0.79 -20.67 13.64
CA PHE A 116 1.90 -20.94 14.54
C PHE A 116 3.16 -21.30 13.80
N SER A 117 4.24 -20.62 14.18
CA SER A 117 5.56 -20.86 13.72
C SER A 117 6.47 -20.97 14.95
N ALA A 118 7.23 -22.03 15.07
CA ALA A 118 8.09 -22.23 16.20
C ALA A 118 9.12 -21.11 16.32
N GLU A 119 9.65 -20.64 15.19
CA GLU A 119 10.64 -19.56 15.23
C GLU A 119 10.01 -18.24 15.67
N ILE A 120 8.79 -17.94 15.17
CA ILE A 120 8.11 -16.73 15.67
C ILE A 120 7.94 -16.77 17.17
N SER A 121 7.47 -17.94 17.68
CA SER A 121 7.25 -18.11 19.12
C SER A 121 8.55 -17.96 19.90
N GLU A 122 9.61 -18.48 19.39
CA GLU A 122 10.92 -18.28 20.03
C GLU A 122 11.34 -16.83 20.11
N ILE A 123 11.28 -16.16 18.97
CA ILE A 123 11.60 -14.72 18.93
C ILE A 123 10.78 -13.95 19.95
N VAL A 124 9.45 -14.14 19.96
CA VAL A 124 8.60 -13.45 20.94
C VAL A 124 8.87 -13.81 22.36
N SER A 125 9.20 -15.08 22.59
CA SER A 125 9.48 -15.57 23.90
CA SER A 125 9.45 -15.54 23.91
C SER A 125 10.69 -14.92 24.57
N HIS A 126 11.60 -14.37 23.75
CA HIS A 126 12.89 -13.86 24.26
C HIS A 126 13.15 -12.43 23.92
N MET A 127 12.11 -11.77 23.43
CA MET A 127 12.24 -10.41 22.82
C MET A 127 12.68 -9.38 23.89
N ASP A 128 12.25 -9.55 25.12
CA ASP A 128 12.57 -8.55 26.21
C ASP A 128 13.81 -8.99 26.96
N HIS A 129 14.98 -8.75 26.40
CA HIS A 129 16.24 -9.15 27.03
C HIS A 129 16.32 -10.60 27.44
N GLY A 130 15.74 -11.48 26.60
CA GLY A 130 15.68 -12.92 26.90
C GLY A 130 14.39 -13.41 27.55
N SER A 131 13.51 -12.50 27.90
CA SER A 131 12.21 -12.79 28.54
C SER A 131 11.08 -12.41 27.55
N GLU A 132 9.85 -12.78 27.95
CA GLU A 132 8.71 -12.74 27.04
C GLU A 132 8.47 -11.31 26.64
N ALA A 133 8.10 -11.10 25.37
CA ALA A 133 7.70 -9.75 24.92
C ALA A 133 6.60 -9.11 25.83
N ARG A 134 6.74 -7.79 25.97
CA ARG A 134 5.73 -6.95 26.57
C ARG A 134 4.90 -6.27 25.48
N ASP A 135 3.61 -6.16 25.72
CA ASP A 135 2.70 -5.53 24.75
C ASP A 135 3.09 -4.16 24.45
N GLY A 136 3.17 -3.81 23.18
CA GLY A 136 3.49 -2.49 22.78
C GLY A 136 4.97 -2.14 22.74
N MET A 137 5.86 -3.03 23.15
CA MET A 137 7.26 -2.71 23.15
C MET A 137 7.79 -2.60 21.75
N GLU A 138 8.82 -1.77 21.62
CA GLU A 138 9.62 -1.73 20.40
C GLU A 138 10.65 -2.85 20.35
N MET A 139 10.73 -3.55 19.22
CA MET A 139 11.71 -4.64 19.05
C MET A 139 12.89 -4.14 18.22
N MET A 140 13.91 -4.98 18.13
CA MET A 140 15.08 -4.63 17.27
C MET A 140 14.72 -4.76 15.76
N TYR A 141 15.44 -4.01 14.94
CA TYR A 141 15.30 -4.15 13.48
C TYR A 141 15.37 -5.59 13.01
N ASP A 142 16.35 -6.39 13.46
CA ASP A 142 16.46 -7.73 12.97
C ASP A 142 15.27 -8.67 13.40
N GLU A 143 14.69 -8.34 14.55
CA GLU A 143 13.53 -9.10 15.10
C GLU A 143 12.32 -8.80 14.27
N GLY A 144 12.12 -7.53 13.97
CA GLY A 144 11.01 -7.16 13.15
C GLY A 144 11.15 -7.68 11.74
N SER A 145 12.34 -7.56 11.16
CA SER A 145 12.61 -8.10 9.82
C SER A 145 12.40 -9.57 9.75
N ARG A 146 12.95 -10.30 10.70
CA ARG A 146 12.78 -11.72 10.64
C ARG A 146 11.27 -12.15 10.82
N LEU A 147 10.57 -11.51 11.73
CA LEU A 147 9.11 -11.81 11.90
C LEU A 147 8.32 -11.53 10.61
N CYS A 148 8.60 -10.42 9.90
CA CYS A 148 7.91 -10.16 8.67
C CYS A 148 8.15 -11.29 7.67
N THR A 149 9.43 -11.67 7.58
CA THR A 149 9.84 -12.73 6.63
C THR A 149 9.17 -14.08 6.98
N LEU A 150 9.16 -14.40 8.25
CA LEU A 150 8.54 -15.68 8.75
C LEU A 150 7.03 -15.70 8.51
N ILE A 151 6.37 -14.55 8.73
CA ILE A 151 4.94 -14.45 8.37
C ILE A 151 4.76 -14.61 6.87
N ASN A 152 5.59 -13.90 6.09
CA ASN A 152 5.47 -14.04 4.63
C ASN A 152 5.71 -15.46 4.16
N TYR A 153 6.69 -16.16 4.73
CA TYR A 153 6.99 -17.54 4.36
C TYR A 153 5.79 -18.51 4.66
N ALA A 154 5.25 -18.36 5.86
CA ALA A 154 4.13 -19.25 6.32
C ALA A 154 2.93 -19.06 5.43
N ILE A 155 2.63 -17.83 5.02
CA ILE A 155 1.47 -17.55 4.19
C ILE A 155 1.77 -18.02 2.75
N MET A 156 2.99 -17.82 2.24
CA MET A 156 3.34 -18.33 0.91
C MET A 156 3.18 -19.85 0.85
N LYS A 157 3.54 -20.55 1.92
CA LYS A 157 3.52 -22.04 2.05
C LYS A 157 2.06 -22.54 2.04
N ARG A 158 1.13 -21.66 2.42
CA ARG A 158 -0.31 -21.92 2.32
C ARG A 158 -0.81 -21.82 0.91
N ILE A 159 -0.75 -20.65 0.32
CA ILE A 159 -1.49 -20.34 -0.91
C ILE A 159 -1.53 -21.37 -2.11
N GLY A 160 -0.39 -21.88 -2.55
CA GLY A 160 0.93 -21.51 -2.04
C GLY A 160 1.07 -20.42 -3.07
N ARG A 161 1.24 -19.20 -2.60
CA ARG A 161 1.47 -18.09 -3.45
C ARG A 161 0.91 -16.84 -2.83
N GLU B 2 -30.92 12.53 0.80
CA GLU B 2 -31.02 11.07 1.14
C GLU B 2 -30.81 10.18 -0.10
N LYS B 3 -30.17 10.73 -1.13
CA LYS B 3 -29.87 10.01 -2.38
C LYS B 3 -29.09 8.74 -2.03
N GLY B 4 -29.46 7.62 -2.67
CA GLY B 4 -28.75 6.34 -2.46
C GLY B 4 -27.30 6.52 -2.92
N GLU B 5 -26.35 5.80 -2.32
CA GLU B 5 -24.94 5.89 -2.84
C GLU B 5 -24.79 5.38 -4.26
N ARG B 6 -23.78 5.94 -4.96
CA ARG B 6 -23.57 5.64 -6.39
C ARG B 6 -22.92 4.27 -6.40
N ILE B 7 -23.27 3.55 -7.44
CA ILE B 7 -22.73 2.24 -7.66
C ILE B 7 -22.29 2.13 -9.10
N SER B 8 -21.28 1.32 -9.28
CA SER B 8 -20.79 1.06 -10.65
C SER B 8 -21.80 0.44 -11.62
N MET B 9 -21.75 0.92 -12.87
CA MET B 9 -22.52 0.31 -13.97
C MET B 9 -21.82 -0.88 -14.60
N ILE B 10 -20.58 -1.17 -14.20
CA ILE B 10 -19.83 -2.33 -14.69
CA ILE B 10 -19.86 -2.33 -14.70
C ILE B 10 -19.93 -3.49 -13.69
N ASN B 11 -19.82 -3.17 -12.41
CA ASN B 11 -20.04 -4.17 -11.35
C ASN B 11 -20.82 -3.53 -10.19
N PRO B 12 -22.16 -3.71 -10.17
CA PRO B 12 -22.98 -2.98 -9.18
C PRO B 12 -22.69 -3.26 -7.71
N ARG B 13 -21.92 -4.33 -7.40
CA ARG B 13 -21.45 -4.51 -6.01
C ARG B 13 -20.43 -3.52 -5.61
N VAL B 14 -19.79 -2.81 -6.56
CA VAL B 14 -18.73 -1.87 -6.15
C VAL B 14 -19.32 -0.52 -5.69
N VAL B 15 -19.14 -0.17 -4.42
CA VAL B 15 -19.77 1.06 -3.91
C VAL B 15 -18.84 2.20 -4.23
N LEU B 16 -19.43 3.28 -4.68
CA LEU B 16 -18.67 4.40 -5.11
C LEU B 16 -18.99 5.61 -4.19
N ASP B 17 -18.07 6.56 -4.11
CA ASP B 17 -18.37 7.81 -3.49
C ASP B 17 -19.08 8.66 -4.54
N GLU B 18 -19.45 9.87 -4.08
CA GLU B 18 -20.24 10.78 -4.94
C GLU B 18 -19.50 11.20 -6.22
N ASN B 19 -18.17 11.08 -6.22
CA ASN B 19 -17.35 11.32 -7.39
C ASN B 19 -17.09 10.12 -8.31
N GLY B 20 -17.68 8.99 -7.99
CA GLY B 20 -17.66 7.83 -8.90
C GLY B 20 -16.34 7.04 -8.63
N ILE B 21 -15.76 7.23 -7.46
CA ILE B 21 -14.46 6.57 -7.11
C ILE B 21 -14.76 5.45 -6.09
N SER B 22 -14.07 4.34 -6.28
CA SER B 22 -14.10 3.20 -5.39
C SER B 22 -12.98 3.39 -4.38
N HIS B 23 -13.31 3.31 -3.09
CA HIS B 23 -12.25 3.43 -2.12
CA HIS B 23 -12.35 3.37 -1.98
C HIS B 23 -11.38 2.19 -1.90
N ARG B 24 -11.66 1.11 -2.52
CA ARG B 24 -10.84 -0.11 -2.63
C ARG B 24 -9.84 -0.06 -3.84
N SER B 25 -10.17 0.48 -4.92
CA SER B 25 -9.46 0.36 -6.19
C SER B 25 -9.45 1.65 -6.90
N ARG B 26 -8.27 2.26 -7.04
CA ARG B 26 -8.22 3.66 -7.54
C ARG B 26 -7.23 3.76 -8.68
N TYR B 27 -7.55 4.67 -9.60
CA TYR B 27 -6.96 4.64 -10.94
C TYR B 27 -6.50 6.04 -11.35
N PHE B 28 -5.25 6.17 -11.76
CA PHE B 28 -4.71 7.44 -12.25
C PHE B 28 -4.16 7.31 -13.64
N ILE B 29 -4.44 8.29 -14.47
CA ILE B 29 -3.90 8.36 -15.81
C ILE B 29 -2.50 9.04 -15.89
N MET B 30 -1.61 8.42 -16.68
CA MET B 30 -0.26 8.94 -16.94
C MET B 30 -0.07 9.13 -18.41
N LEU B 31 -0.04 10.40 -18.85
CA LEU B 31 0.10 10.76 -20.24
C LEU B 31 1.59 10.85 -20.51
N CYS B 32 2.09 10.04 -21.40
CA CYS B 32 3.52 9.86 -21.40
C CYS B 32 4.04 9.47 -22.76
N ASP B 33 5.36 9.24 -22.80
CA ASP B 33 6.04 8.90 -24.01
C ASP B 33 6.57 7.50 -23.88
N ASN B 34 6.26 6.67 -24.87
CA ASN B 34 6.61 5.25 -24.85
C ASN B 34 8.09 4.95 -24.60
N GLU B 35 8.95 5.63 -25.34
CA GLU B 35 10.37 5.37 -25.25
C GLU B 35 11.01 5.99 -24.03
N THR B 36 10.33 6.91 -23.37
CA THR B 36 10.88 7.49 -22.10
C THR B 36 10.71 6.49 -20.99
N ALA B 37 9.48 6.05 -20.75
CA ALA B 37 9.17 5.42 -19.45
C ALA B 37 8.60 4.01 -19.51
N ILE B 38 8.27 3.53 -20.70
CA ILE B 38 7.52 2.26 -20.83
C ILE B 38 8.38 1.03 -21.18
N ALA B 39 9.62 1.26 -21.63
CA ALA B 39 10.57 0.20 -21.97
C ALA B 39 11.24 -0.33 -20.69
N HIS B 40 10.48 -1.09 -19.94
CA HIS B 40 10.93 -1.60 -18.66
C HIS B 40 11.58 -2.97 -18.84
N ALA B 41 12.84 -3.08 -18.39
CA ALA B 41 13.58 -4.31 -18.48
C ALA B 41 13.15 -5.44 -17.54
N LYS B 42 12.57 -5.06 -16.39
CA LYS B 42 12.19 -6.01 -15.39
C LYS B 42 10.70 -5.90 -15.21
N LYS B 43 10.14 -6.74 -14.35
CA LYS B 43 8.70 -6.73 -14.14
C LYS B 43 8.22 -5.51 -13.36
N THR B 44 9.09 -4.91 -12.56
CA THR B 44 8.83 -3.66 -11.94
C THR B 44 9.72 -2.57 -12.46
N SER B 45 9.28 -1.31 -12.31
CA SER B 45 10.12 -0.11 -12.54
C SER B 45 9.78 0.96 -11.53
N ILE B 46 10.52 2.07 -11.58
CA ILE B 46 10.30 3.17 -10.69
C ILE B 46 9.64 4.26 -11.55
N TRP B 47 8.45 4.71 -11.14
CA TRP B 47 7.73 5.76 -11.80
C TRP B 47 7.86 7.05 -11.04
N ALA B 48 8.30 8.11 -11.73
CA ALA B 48 8.40 9.44 -11.11
C ALA B 48 7.01 10.10 -11.09
N VAL B 49 6.56 10.52 -9.93
CA VAL B 49 5.24 11.09 -9.73
C VAL B 49 5.31 12.61 -9.63
N LYS B 50 4.51 13.30 -10.44
CA LYS B 50 4.51 14.75 -10.42
C LYS B 50 4.07 15.29 -9.08
N LYS B 51 4.74 16.36 -8.67
CA LYS B 51 4.31 17.12 -7.48
C LYS B 51 2.84 17.49 -7.44
N ASP B 52 2.28 17.82 -8.58
CA ASP B 52 0.92 18.24 -8.60
C ASP B 52 -0.09 17.09 -8.38
N SER B 53 0.36 15.84 -8.43
CA SER B 53 -0.54 14.72 -8.19
CA SER B 53 -0.47 14.68 -8.30
C SER B 53 -0.06 13.76 -7.18
N SER B 54 1.08 14.06 -6.53
CA SER B 54 1.63 13.08 -5.60
C SER B 54 0.87 12.96 -4.27
N LYS B 55 0.33 14.10 -3.76
CA LYS B 55 -0.40 14.04 -2.49
C LYS B 55 -1.56 13.04 -2.59
N ARG B 56 -2.32 13.19 -3.67
CA ARG B 56 -3.55 12.36 -3.84
C ARG B 56 -3.17 10.87 -4.04
N ILE B 57 -2.14 10.62 -4.86
CA ILE B 57 -1.67 9.25 -5.11
C ILE B 57 -1.19 8.56 -3.85
N SER B 58 -0.40 9.26 -3.06
CA SER B 58 0.18 8.70 -1.83
C SER B 58 -0.93 8.43 -0.84
N ASP B 59 -1.87 9.33 -0.74
CA ASP B 59 -3.08 9.21 0.13
CA ASP B 59 -2.99 9.13 0.16
C ASP B 59 -3.83 7.94 -0.26
N ALA B 60 -4.10 7.82 -1.55
CA ALA B 60 -4.79 6.66 -2.11
C ALA B 60 -4.07 5.27 -1.81
N TYR B 61 -2.76 5.27 -1.91
CA TYR B 61 -1.97 4.07 -1.69
C TYR B 61 -2.04 3.61 -0.23
N LYS B 62 -2.13 4.54 0.68
CA LYS B 62 -2.32 4.15 2.11
C LYS B 62 -3.65 3.42 2.41
N LYS B 63 -4.63 3.52 1.49
CA LYS B 63 -6.04 3.21 1.70
C LYS B 63 -6.66 2.23 0.70
N ALA B 64 -5.98 1.96 -0.40
CA ALA B 64 -6.54 1.24 -1.52
C ALA B 64 -5.47 0.54 -2.31
N SER B 65 -5.90 -0.29 -3.26
CA SER B 65 -5.02 -0.73 -4.37
C SER B 65 -5.03 0.41 -5.39
N VAL B 66 -3.84 0.80 -5.86
CA VAL B 66 -3.68 1.91 -6.78
C VAL B 66 -3.03 1.45 -8.09
N TYR B 67 -3.59 1.92 -9.19
CA TYR B 67 -3.15 1.58 -10.53
C TYR B 67 -2.95 2.80 -11.36
N PHE B 68 -1.89 2.74 -12.18
CA PHE B 68 -1.57 3.82 -13.16
C PHE B 68 -1.83 3.18 -14.51
N ILE B 69 -2.54 3.95 -15.34
CA ILE B 69 -2.83 3.51 -16.71
C ILE B 69 -2.05 4.47 -17.64
N PHE B 70 -1.26 3.92 -18.56
CA PHE B 70 -0.30 4.71 -19.35
C PHE B 70 -0.87 4.88 -20.74
N VAL B 71 -0.95 6.11 -21.22
CA VAL B 71 -1.47 6.43 -22.53
C VAL B 71 -0.50 7.41 -23.21
N ALA B 72 -0.26 7.23 -24.49
CA ALA B 72 0.68 8.06 -25.25
C ALA B 72 0.17 9.49 -25.40
N GLN B 73 1.00 10.46 -25.03
CA GLN B 73 0.62 11.86 -25.24
C GLN B 73 0.44 12.18 -26.69
N GLN B 74 1.12 11.47 -27.59
CA GLN B 74 1.11 11.82 -28.99
C GLN B 74 -0.25 11.45 -29.62
N THR B 75 -0.77 10.29 -29.26
CA THR B 75 -1.86 9.64 -30.00
C THR B 75 -2.99 9.08 -29.15
N TYR B 76 -2.77 9.04 -27.85
CA TYR B 76 -3.62 8.29 -26.95
C TYR B 76 -3.55 6.77 -27.18
N ASN B 77 -2.53 6.26 -27.87
CA ASN B 77 -2.35 4.78 -27.83
C ASN B 77 -2.25 4.30 -26.37
N ALA B 78 -2.84 3.12 -26.06
CA ALA B 78 -2.62 2.46 -24.79
C ALA B 78 -1.17 1.97 -24.78
N LEU B 79 -0.46 2.26 -23.70
CA LEU B 79 0.89 1.83 -23.40
C LEU B 79 0.92 0.71 -22.31
N GLY B 80 -0.19 0.54 -21.53
CA GLY B 80 -0.27 -0.48 -20.57
C GLY B 80 -0.75 0.03 -19.23
N TYR B 81 -0.65 -0.80 -18.23
CA TYR B 81 -1.00 -0.38 -16.89
C TYR B 81 -0.24 -1.19 -15.85
N ALA B 82 -0.18 -0.62 -14.63
CA ALA B 82 0.64 -1.19 -13.58
C ALA B 82 0.02 -0.89 -12.21
N GLN B 83 0.33 -1.74 -11.22
CA GLN B 83 -0.12 -1.52 -9.84
C GLN B 83 1.04 -0.87 -9.07
N VAL B 84 0.72 0.13 -8.26
CA VAL B 84 1.67 0.75 -7.32
C VAL B 84 1.95 -0.27 -6.21
N VAL B 85 3.24 -0.53 -5.93
CA VAL B 85 3.66 -1.52 -4.90
C VAL B 85 4.64 -0.92 -3.88
N SER B 86 4.82 0.39 -3.85
CA SER B 86 5.54 1.09 -2.79
C SER B 86 5.04 2.45 -2.67
N ASP B 87 5.17 2.99 -1.47
CA ASP B 87 4.72 4.39 -1.36
C ASP B 87 5.76 5.33 -1.96
N LEU B 88 5.32 6.59 -2.09
CA LEU B 88 6.15 7.64 -2.57
C LEU B 88 7.47 7.85 -1.82
N ASN B 89 8.55 7.82 -2.56
CA ASN B 89 9.89 7.97 -2.03
C ASN B 89 10.63 9.12 -2.76
N SER B 90 10.85 10.17 -1.97
CA SER B 90 11.46 11.38 -2.48
C SER B 90 12.87 11.18 -2.96
N THR B 91 13.53 10.10 -2.55
CA THR B 91 14.89 9.83 -3.04
C THR B 91 15.05 8.67 -4.03
N GLU B 92 13.97 8.03 -4.42
CA GLU B 92 14.04 6.91 -5.38
C GLU B 92 13.47 7.48 -6.63
N LEU B 93 14.32 7.92 -7.53
CA LEU B 93 13.92 8.61 -8.74
C LEU B 93 14.53 7.94 -9.95
N PRO B 94 13.79 7.83 -11.06
CA PRO B 94 14.37 7.25 -12.28
C PRO B 94 15.12 8.33 -13.08
N PHE B 95 15.87 7.92 -14.09
CA PHE B 95 16.75 8.80 -14.88
C PHE B 95 15.98 9.99 -15.47
N TRP B 96 14.68 9.78 -15.74
CA TRP B 96 13.86 10.78 -16.44
C TRP B 96 13.15 11.78 -15.52
N SER B 97 13.37 11.67 -14.25
CA SER B 97 12.74 12.57 -13.33
C SER B 97 13.39 13.96 -13.37
N ASP B 98 12.62 14.98 -12.95
CA ASP B 98 13.12 16.31 -12.87
C ASP B 98 12.48 17.04 -11.74
N SER B 99 12.64 18.37 -11.71
CA SER B 99 12.16 19.15 -10.57
C SER B 99 10.62 19.21 -10.48
N SER B 100 9.92 18.75 -11.55
CA SER B 100 8.45 18.63 -11.51
C SER B 100 7.95 17.47 -10.70
N HIS B 101 8.87 16.58 -10.32
CA HIS B 101 8.48 15.33 -9.62
C HIS B 101 8.76 15.37 -8.14
N ALA B 102 7.87 14.73 -7.39
CA ALA B 102 7.99 14.72 -5.92
C ALA B 102 8.81 13.52 -5.45
N GLY B 103 8.91 12.48 -6.27
CA GLY B 103 9.50 11.25 -5.80
C GLY B 103 9.14 10.13 -6.72
N GLY B 104 9.49 8.92 -6.33
CA GLY B 104 9.21 7.73 -7.17
C GLY B 104 8.30 6.75 -6.40
N VAL B 105 7.55 5.96 -7.17
CA VAL B 105 6.92 4.77 -6.62
C VAL B 105 7.32 3.57 -7.45
N ARG B 106 7.54 2.37 -6.83
CA ARG B 106 7.67 1.20 -7.63
C ARG B 106 6.34 0.73 -8.16
N ILE B 107 6.34 0.33 -9.46
CA ILE B 107 5.15 -0.18 -10.14
C ILE B 107 5.38 -1.57 -10.69
N LYS B 108 4.41 -2.47 -10.51
CA LYS B 108 4.39 -3.76 -11.05
C LYS B 108 3.59 -3.75 -12.31
N TRP B 109 4.24 -3.97 -13.44
CA TRP B 109 3.56 -3.99 -14.72
C TRP B 109 2.55 -5.12 -14.87
N ILE B 110 1.35 -4.80 -15.27
CA ILE B 110 0.33 -5.80 -15.47
C ILE B 110 0.25 -6.07 -16.92
N LYS B 111 0.13 -5.03 -17.74
CA LYS B 111 0.18 -5.11 -19.20
C LYS B 111 1.06 -4.05 -19.79
N THR B 112 1.72 -4.37 -20.92
CA THR B 112 2.56 -3.40 -21.62
C THR B 112 2.29 -3.50 -23.12
N CYS B 113 2.09 -2.37 -23.82
CA CYS B 113 1.73 -2.51 -25.23
C CYS B 113 1.93 -1.13 -25.90
N ASN B 114 1.53 -1.04 -27.15
CA ASN B 114 1.54 0.24 -27.87
C ASN B 114 0.54 0.11 -29.00
N LEU B 115 -0.72 0.32 -28.67
CA LEU B 115 -1.88 -0.16 -29.48
C LEU B 115 -2.89 0.97 -29.43
N PHE B 116 -3.47 1.27 -30.56
CA PHE B 116 -4.58 2.21 -30.61
C PHE B 116 -5.94 1.53 -30.47
N SER B 117 -6.79 2.11 -29.62
CA SER B 117 -8.18 1.73 -29.49
C SER B 117 -9.03 2.97 -29.54
N ALA B 118 -10.01 3.02 -30.44
CA ALA B 118 -10.87 4.16 -30.49
C ALA B 118 -11.67 4.45 -29.20
N GLU B 119 -12.10 3.39 -28.51
CA GLU B 119 -12.86 3.60 -27.31
C GLU B 119 -11.89 4.08 -26.20
N ILE B 120 -10.66 3.53 -26.14
CA ILE B 120 -9.69 4.08 -25.18
C ILE B 120 -9.54 5.58 -25.46
N SER B 121 -9.28 5.97 -26.71
CA SER B 121 -9.14 7.40 -27.02
C SER B 121 -10.34 8.29 -26.56
N GLU B 122 -11.55 7.79 -26.75
CA GLU B 122 -12.77 8.45 -26.27
C GLU B 122 -12.73 8.66 -24.79
N ILE B 123 -12.39 7.61 -24.03
CA ILE B 123 -12.40 7.73 -22.58
C ILE B 123 -11.38 8.78 -22.17
N VAL B 124 -10.19 8.69 -22.72
CA VAL B 124 -9.13 9.65 -22.30
C VAL B 124 -9.50 11.11 -22.71
N SER B 125 -10.08 11.22 -23.86
CA SER B 125 -10.46 12.54 -24.44
CA SER B 125 -10.42 12.56 -24.40
C SER B 125 -11.53 13.28 -23.64
N HIS B 126 -12.24 12.56 -22.76
CA HIS B 126 -13.32 13.11 -21.94
C HIS B 126 -13.15 12.96 -20.44
N MET B 127 -11.97 12.48 -19.99
CA MET B 127 -11.75 12.21 -18.59
C MET B 127 -11.82 13.43 -17.66
N ASP B 128 -11.44 14.60 -18.16
CA ASP B 128 -11.38 15.84 -17.29
C ASP B 128 -12.64 16.61 -17.58
N HIS B 129 -13.72 16.23 -16.97
CA HIS B 129 -14.98 16.94 -17.14
C HIS B 129 -15.34 17.12 -18.56
N GLY B 130 -15.27 16.02 -19.32
CA GLY B 130 -15.62 16.13 -20.71
C GLY B 130 -14.53 16.51 -21.66
N SER B 131 -13.41 17.03 -21.14
CA SER B 131 -12.30 17.30 -22.02
C SER B 131 -11.11 16.49 -21.67
N GLU B 132 -10.04 16.70 -22.41
CA GLU B 132 -8.88 15.76 -22.38
C GLU B 132 -8.31 15.59 -20.99
N ALA B 133 -8.02 14.34 -20.63
CA ALA B 133 -7.33 14.04 -19.37
C ALA B 133 -6.19 14.98 -19.06
N ARG B 134 -6.10 15.34 -17.77
CA ARG B 134 -4.92 16.01 -17.25
C ARG B 134 -3.97 14.94 -16.70
N ASP B 135 -2.72 15.02 -17.08
CA ASP B 135 -1.73 14.05 -16.57
C ASP B 135 -1.77 13.91 -15.07
N GLY B 136 -1.79 12.69 -14.58
CA GLY B 136 -1.78 12.35 -13.18
C GLY B 136 -3.15 12.40 -12.51
N MET B 137 -4.21 12.80 -13.22
CA MET B 137 -5.51 12.88 -12.54
C MET B 137 -6.05 11.51 -12.12
N GLU B 138 -6.92 11.56 -11.12
CA GLU B 138 -7.70 10.39 -10.69
C GLU B 138 -8.98 10.27 -11.50
N MET B 139 -9.18 9.16 -12.18
CA MET B 139 -10.37 8.88 -12.88
C MET B 139 -11.43 8.09 -12.04
N MET B 140 -12.62 7.86 -12.62
CA MET B 140 -13.66 7.15 -11.93
C MET B 140 -13.38 5.66 -11.98
N TYR B 141 -13.97 4.90 -11.08
CA TYR B 141 -13.82 3.45 -11.06
C TYR B 141 -14.20 2.81 -12.40
N ASP B 142 -15.34 3.21 -12.92
CA ASP B 142 -15.78 2.64 -14.23
C ASP B 142 -14.88 2.97 -15.39
N GLU B 143 -14.26 4.16 -15.38
CA GLU B 143 -13.24 4.50 -16.38
C GLU B 143 -11.99 3.66 -16.25
N GLY B 144 -11.49 3.50 -15.04
CA GLY B 144 -10.36 2.57 -14.79
C GLY B 144 -10.63 1.12 -15.19
N SER B 145 -11.76 0.62 -14.74
CA SER B 145 -12.23 -0.72 -15.08
CA SER B 145 -12.13 -0.74 -15.07
C SER B 145 -12.30 -0.94 -16.58
N ARG B 146 -12.97 -0.03 -17.25
CA ARG B 146 -13.16 -0.19 -18.68
CA ARG B 146 -13.18 -0.15 -18.69
C ARG B 146 -11.82 -0.11 -19.40
N LEU B 147 -10.93 0.77 -18.95
CA LEU B 147 -9.59 0.91 -19.60
C LEU B 147 -8.79 -0.36 -19.46
N CYS B 148 -8.78 -0.96 -18.29
CA CYS B 148 -8.04 -2.16 -18.09
C CYS B 148 -8.59 -3.27 -18.99
N THR B 149 -9.93 -3.42 -19.00
CA THR B 149 -10.55 -4.40 -19.88
C THR B 149 -10.19 -4.15 -21.32
N LEU B 150 -10.30 -2.93 -21.80
CA LEU B 150 -9.97 -2.64 -23.19
C LEU B 150 -8.50 -2.89 -23.56
N ILE B 151 -7.60 -2.60 -22.63
CA ILE B 151 -6.14 -2.92 -22.81
C ILE B 151 -5.95 -4.44 -22.85
N ASN B 152 -6.61 -5.14 -21.94
CA ASN B 152 -6.52 -6.61 -21.94
C ASN B 152 -7.07 -7.15 -23.24
N TYR B 153 -8.15 -6.59 -23.73
CA TYR B 153 -8.77 -7.03 -24.99
C TYR B 153 -7.85 -6.81 -26.19
N ALA B 154 -7.34 -5.62 -26.30
CA ALA B 154 -6.43 -5.25 -27.43
C ALA B 154 -5.24 -6.15 -27.47
N ILE B 155 -4.65 -6.43 -26.32
CA ILE B 155 -3.45 -7.29 -26.21
C ILE B 155 -3.82 -8.76 -26.58
N MET B 156 -4.92 -9.28 -25.98
CA MET B 156 -5.38 -10.65 -26.25
C MET B 156 -5.56 -10.84 -27.72
N LYS B 157 -6.12 -9.86 -28.38
CA LYS B 157 -6.34 -9.89 -29.80
C LYS B 157 -5.09 -9.80 -30.67
N ARG B 158 -4.21 -8.82 -30.39
CA ARG B 158 -2.88 -8.71 -31.09
C ARG B 158 -2.11 -10.03 -30.96
N ILE B 159 -2.13 -10.65 -29.78
CA ILE B 159 -1.47 -11.93 -29.50
C ILE B 159 -2.06 -13.02 -30.44
N GLY B 160 -3.37 -13.08 -30.61
CA GLY B 160 -3.95 -13.99 -31.66
C GLY B 160 -3.47 -13.72 -33.09
N ARG B 161 -3.40 -12.45 -33.46
CA ARG B 161 -3.02 -12.04 -34.82
C ARG B 161 -1.54 -12.29 -35.14
N ASP B 162 -0.70 -11.85 -34.21
CA ASP B 162 0.74 -12.01 -34.33
C ASP B 162 1.12 -13.48 -34.61
#